data_4KMY
#
_entry.id   4KMY
#
_cell.length_a   75.026
_cell.length_b   75.026
_cell.length_c   97.188
_cell.angle_alpha   90.00
_cell.angle_beta   90.00
_cell.angle_gamma   120.00
#
_symmetry.space_group_name_H-M   'P 61'
#
loop_
_entity.id
_entity.type
_entity.pdbx_description
1 polymer 'Folate receptor beta'
2 non-polymer 'POTASSIUM ION'
3 non-polymer 2-acetamido-2-deoxy-beta-D-glucopyranose
4 water water
#
_entity_poly.entity_id   1
_entity_poly.type   'polypeptide(L)'
_entity_poly.pdbx_seq_one_letter_code
;GSRTDLLNVCMDAKHHKTKPGPEDKLHDQCSPWKKNACCTASTSQELHKDTSRLYNFNWDHCGKMEPACKRHFIQDTCLY
ECSPNLGPWIQQVNQSWRKERFLDVPLCKEDCQRWWEDCHTSHTCKSNWHRGWDWTSGVNKCPAGALCRTFESYFPTPAA
LCEGLWSHSYKVSNYSRGSGRCIQMWFDSAQGNPNEEVARFYAAAMH
;
_entity_poly.pdbx_strand_id   A
#
loop_
_chem_comp.id
_chem_comp.type
_chem_comp.name
_chem_comp.formula
K non-polymer 'POTASSIUM ION' 'K 1'
NAG D-saccharide, beta linking 2-acetamido-2-deoxy-beta-D-glucopyranose 'C8 H15 N O6'
#
# COMPACT_ATOMS: atom_id res chain seq x y z
N GLY A 1 4.12 20.12 20.65
CA GLY A 1 3.38 18.93 20.28
C GLY A 1 3.82 17.65 21.00
N SER A 2 3.37 16.51 20.48
CA SER A 2 3.73 15.23 21.08
C SER A 2 3.78 14.13 20.02
N ARG A 3 4.54 13.09 20.32
CA ARG A 3 4.69 11.95 19.40
C ARG A 3 3.33 11.33 19.11
N THR A 4 2.41 11.43 20.07
CA THR A 4 1.07 10.86 19.92
C THR A 4 0.23 11.63 18.90
N ASP A 5 0.74 12.77 18.46
CA ASP A 5 0.06 13.52 17.40
C ASP A 5 0.09 12.77 16.08
N LEU A 6 0.97 11.78 15.99
CA LEU A 6 1.04 10.96 14.78
C LEU A 6 0.15 9.72 14.84
N LEU A 7 -0.59 9.58 15.93
CA LEU A 7 -1.54 8.49 16.05
C LEU A 7 -2.91 8.88 15.48
N ASN A 8 -3.55 7.93 14.81
CA ASN A 8 -4.92 8.14 14.31
C ASN A 8 -5.05 9.39 13.45
N VAL A 9 -4.28 9.44 12.37
CA VAL A 9 -4.31 10.58 11.47
C VAL A 9 -4.34 10.09 10.03
N CYS A 10 -4.83 10.95 9.13
CA CYS A 10 -4.84 10.65 7.71
C CYS A 10 -3.78 11.51 7.03
N MET A 11 -3.06 10.92 6.09
CA MET A 11 -2.07 11.67 5.34
C MET A 11 -2.76 12.67 4.44
N ASP A 12 -2.06 13.76 4.14
CA ASP A 12 -2.55 14.79 3.23
C ASP A 12 -2.15 14.44 1.80
N ALA A 13 -3.02 13.72 1.09
CA ALA A 13 -2.76 13.38 -0.31
C ALA A 13 -4.04 12.97 -1.05
N LYS A 14 -4.21 13.52 -2.25
CA LYS A 14 -5.23 13.03 -3.19
C LYS A 14 -6.58 12.72 -2.55
N HIS A 15 -6.92 11.44 -2.45
CA HIS A 15 -8.27 11.02 -2.06
C HIS A 15 -8.54 11.00 -0.55
N HIS A 16 -7.49 11.11 0.26
CA HIS A 16 -7.65 10.83 1.68
C HIS A 16 -8.62 11.77 2.37
N LYS A 17 -9.40 11.22 3.30
CA LYS A 17 -10.22 12.03 4.17
C LYS A 17 -9.34 12.92 5.06
N THR A 18 -9.91 13.98 5.61
CA THR A 18 -9.15 14.90 6.47
C THR A 18 -8.78 14.24 7.80
N LYS A 19 -9.72 13.49 8.35
CA LYS A 19 -9.53 12.77 9.61
C LYS A 19 -10.17 11.39 9.51
N PRO A 20 -9.67 10.42 10.30
CA PRO A 20 -10.23 9.05 10.28
C PRO A 20 -11.65 8.96 10.83
N GLY A 21 -12.42 7.99 10.35
CA GLY A 21 -13.77 7.78 10.83
C GLY A 21 -14.38 6.52 10.27
N PRO A 22 -15.48 6.07 10.86
CA PRO A 22 -16.11 4.82 10.41
C PRO A 22 -16.62 4.95 8.99
N GLU A 23 -16.50 3.87 8.22
CA GLU A 23 -17.04 3.81 6.88
C GLU A 23 -17.70 2.45 6.72
N ASP A 24 -18.99 2.39 7.02
CA ASP A 24 -19.73 1.14 6.99
C ASP A 24 -19.70 0.47 5.63
N LYS A 25 -19.50 1.26 4.57
CA LYS A 25 -19.67 0.75 3.23
C LYS A 25 -18.38 0.51 2.43
N LEU A 26 -17.24 0.43 3.10
CA LEU A 26 -15.99 0.09 2.39
C LEU A 26 -16.14 -1.23 1.62
N HIS A 27 -15.60 -1.25 0.41
CA HIS A 27 -15.84 -2.35 -0.51
C HIS A 27 -14.82 -3.47 -0.36
N ASP A 28 -15.30 -4.71 -0.37
CA ASP A 28 -14.49 -5.93 -0.49
C ASP A 28 -13.21 -5.88 0.32
N GLN A 29 -12.05 -5.84 -0.34
CA GLN A 29 -10.77 -5.99 0.38
C GLN A 29 -10.48 -4.87 1.38
N CYS A 30 -11.15 -3.73 1.23
CA CYS A 30 -10.94 -2.59 2.13
C CYS A 30 -11.84 -2.66 3.38
N SER A 31 -12.76 -3.62 3.41
CA SER A 31 -13.70 -3.68 4.54
C SER A 31 -13.07 -3.89 5.94
N PRO A 32 -11.84 -4.44 6.01
CA PRO A 32 -11.30 -4.60 7.37
C PRO A 32 -11.07 -3.26 8.09
N TRP A 33 -11.03 -2.16 7.33
CA TRP A 33 -10.79 -0.83 7.89
C TRP A 33 -12.08 -0.10 8.22
N LYS A 34 -13.22 -0.80 8.09
CA LYS A 34 -14.52 -0.14 8.17
C LYS A 34 -14.80 0.58 9.48
N LYS A 35 -14.16 0.15 10.58
CA LYS A 35 -14.44 0.77 11.88
C LYS A 35 -13.77 2.15 12.04
N ASN A 36 -12.71 2.39 11.27
CA ASN A 36 -11.93 3.61 11.37
C ASN A 36 -10.99 3.73 10.16
N ALA A 37 -11.38 4.55 9.19
CA ALA A 37 -10.67 4.58 7.90
C ALA A 37 -10.38 5.99 7.44
N CYS A 38 -9.35 6.11 6.60
CA CYS A 38 -9.02 7.36 5.93
C CYS A 38 -9.49 7.38 4.49
N CYS A 39 -10.17 6.30 4.06
CA CYS A 39 -10.71 6.22 2.70
C CYS A 39 -12.23 6.28 2.70
N THR A 40 -12.79 6.82 1.62
CA THR A 40 -14.23 6.86 1.42
C THR A 40 -14.66 5.56 0.75
N ALA A 41 -15.96 5.29 0.79
CA ALA A 41 -16.50 4.13 0.13
C ALA A 41 -16.19 4.17 -1.36
N SER A 42 -16.32 5.34 -1.98
CA SER A 42 -16.09 5.48 -3.41
C SER A 42 -14.66 5.15 -3.78
N THR A 43 -13.72 5.65 -3.00
CA THR A 43 -12.33 5.28 -3.24
C THR A 43 -12.14 3.77 -3.16
N SER A 44 -12.71 3.12 -2.14
CA SER A 44 -12.57 1.67 -2.03
C SER A 44 -13.18 0.91 -3.21
N GLN A 45 -14.27 1.43 -3.77
CA GLN A 45 -14.91 0.80 -4.91
C GLN A 45 -14.02 0.90 -6.13
N GLU A 46 -13.50 2.10 -6.35
CA GLU A 46 -12.77 2.39 -7.58
C GLU A 46 -11.42 1.66 -7.62
N LEU A 47 -10.77 1.53 -6.46
CA LEU A 47 -9.45 0.90 -6.49
C LEU A 47 -9.56 -0.60 -6.81
N HIS A 48 -10.75 -1.18 -6.67
CA HIS A 48 -10.94 -2.59 -7.01
C HIS A 48 -11.24 -2.79 -8.49
N LYS A 49 -11.55 -1.70 -9.20
CA LYS A 49 -11.94 -1.78 -10.61
C LYS A 49 -10.74 -1.67 -11.54
N ASP A 50 -10.45 -2.73 -12.27
CA ASP A 50 -9.23 -2.73 -13.10
C ASP A 50 -9.21 -1.63 -14.15
N THR A 51 -10.38 -1.27 -14.66
CA THR A 51 -10.43 -0.25 -15.70
C THR A 51 -10.90 1.13 -15.23
N SER A 52 -10.92 1.35 -13.91
CA SER A 52 -11.37 2.65 -13.40
C SER A 52 -10.49 3.76 -13.94
N ARG A 53 -11.10 4.89 -14.32
CA ARG A 53 -10.34 6.10 -14.65
C ARG A 53 -10.44 7.12 -13.51
N LEU A 54 -11.22 6.79 -12.48
CA LEU A 54 -11.24 7.58 -11.23
C LEU A 54 -10.05 7.17 -10.37
N TYR A 55 -9.67 5.91 -10.47
CA TYR A 55 -8.49 5.38 -9.77
C TYR A 55 -7.67 4.57 -10.78
N ASN A 56 -6.84 5.26 -11.55
CA ASN A 56 -6.30 4.70 -12.79
C ASN A 56 -4.94 4.05 -12.59
N PHE A 57 -4.90 2.72 -12.59
CA PHE A 57 -3.64 2.02 -12.66
C PHE A 57 -3.87 0.68 -13.32
N ASN A 58 -3.02 0.39 -14.30
CA ASN A 58 -3.12 -0.83 -15.09
C ASN A 58 -2.22 -1.93 -14.48
N TRP A 59 -2.82 -2.89 -13.77
CA TRP A 59 -2.05 -3.99 -13.18
C TRP A 59 -1.65 -4.99 -14.26
N ASP A 60 -2.42 -5.00 -15.34
CA ASP A 60 -2.22 -5.95 -16.44
C ASP A 60 -1.33 -5.38 -17.55
N HIS A 61 -0.23 -4.72 -17.17
CA HIS A 61 0.66 -4.10 -18.17
C HIS A 61 1.48 -5.14 -18.93
N CYS A 62 1.65 -6.32 -18.35
CA CYS A 62 2.36 -7.42 -19.01
C CYS A 62 1.45 -8.63 -19.10
N GLY A 63 0.33 -8.49 -19.79
CA GLY A 63 -0.69 -9.52 -19.81
C GLY A 63 -1.52 -9.52 -18.54
N LYS A 64 -2.44 -10.46 -18.45
CA LYS A 64 -3.35 -10.47 -17.32
C LYS A 64 -2.61 -10.91 -16.07
N MET A 65 -2.63 -10.09 -15.02
CA MET A 65 -2.04 -10.45 -13.75
C MET A 65 -2.90 -11.50 -13.06
N GLU A 66 -2.28 -12.58 -12.60
CA GLU A 66 -2.97 -13.64 -11.85
C GLU A 66 -3.68 -13.09 -10.61
N PRO A 67 -4.89 -13.56 -10.34
CA PRO A 67 -5.64 -13.07 -9.16
C PRO A 67 -4.88 -13.28 -7.86
N ALA A 68 -4.22 -14.41 -7.71
CA ALA A 68 -3.41 -14.69 -6.50
C ALA A 68 -2.37 -13.61 -6.26
N CYS A 69 -1.89 -12.98 -7.33
CA CYS A 69 -0.94 -11.87 -7.23
C CYS A 69 -1.67 -10.55 -7.06
N LYS A 70 -2.65 -10.29 -7.94
CA LYS A 70 -3.33 -9.01 -7.92
C LYS A 70 -3.94 -8.68 -6.56
N ARG A 71 -4.40 -9.70 -5.84
CA ARG A 71 -5.04 -9.44 -4.55
C ARG A 71 -4.10 -8.68 -3.60
N HIS A 72 -2.81 -8.97 -3.67
CA HIS A 72 -1.83 -8.26 -2.84
C HIS A 72 -1.70 -6.79 -3.20
N PHE A 73 -1.73 -6.50 -4.50
CA PHE A 73 -1.66 -5.11 -4.95
C PHE A 73 -2.90 -4.34 -4.54
N ILE A 74 -4.08 -4.99 -4.60
CA ILE A 74 -5.30 -4.35 -4.10
C ILE A 74 -5.19 -4.12 -2.59
N GLN A 75 -4.68 -5.11 -1.86
CA GLN A 75 -4.56 -5.00 -0.41
C GLN A 75 -3.64 -3.83 -0.01
N ASP A 76 -2.51 -3.75 -0.72
CA ASP A 76 -1.51 -2.68 -0.56
C ASP A 76 -2.23 -1.34 -0.77
N THR A 77 -3.05 -1.26 -1.81
CA THR A 77 -3.76 -0.03 -2.09
C THR A 77 -4.78 0.29 -0.99
N CYS A 78 -5.52 -0.71 -0.50
CA CYS A 78 -6.41 -0.45 0.64
C CYS A 78 -5.65 0.10 1.84
N LEU A 79 -4.50 -0.48 2.16
CA LEU A 79 -3.75 -0.02 3.34
C LEU A 79 -3.34 1.44 3.11
N TYR A 80 -2.82 1.70 1.92
CA TYR A 80 -2.35 3.04 1.57
C TYR A 80 -3.48 4.08 1.66
N GLU A 81 -4.65 3.74 1.11
CA GLU A 81 -5.77 4.69 1.07
C GLU A 81 -6.53 4.78 2.40
N CYS A 82 -6.58 3.69 3.13
CA CYS A 82 -7.52 3.59 4.27
C CYS A 82 -6.91 3.65 5.66
N SER A 83 -5.64 3.27 5.80
CA SER A 83 -5.04 3.15 7.11
C SER A 83 -4.97 4.47 7.89
N PRO A 84 -5.48 4.50 9.13
CA PRO A 84 -5.27 5.66 9.99
C PRO A 84 -4.09 5.47 10.95
N ASN A 85 -3.31 4.41 10.74
CA ASN A 85 -2.24 4.04 11.65
C ASN A 85 -0.82 4.13 11.07
N LEU A 86 -0.64 4.94 10.04
CA LEU A 86 0.69 5.05 9.41
C LEU A 86 1.31 6.44 9.61
N GLY A 87 0.72 7.24 10.50
CA GLY A 87 1.27 8.55 10.85
C GLY A 87 2.77 8.62 11.07
N PRO A 88 3.34 7.64 11.79
CA PRO A 88 4.77 7.63 12.06
C PRO A 88 5.66 7.47 10.80
N TRP A 89 5.03 7.15 9.68
CA TRP A 89 5.78 6.98 8.42
C TRP A 89 5.46 8.06 7.37
N ILE A 90 4.77 9.10 7.78
CA ILE A 90 4.46 10.19 6.87
C ILE A 90 5.70 11.02 6.55
N GLN A 91 5.85 11.37 5.28
CA GLN A 91 6.97 12.20 4.85
C GLN A 91 6.47 13.28 3.93
N GLN A 92 6.96 14.51 4.11
CA GLN A 92 6.52 15.62 3.27
C GLN A 92 7.16 15.56 1.89
N VAL A 93 6.36 15.72 0.84
CA VAL A 93 6.89 15.72 -0.52
C VAL A 93 6.42 16.95 -1.30
N ASN A 94 5.30 17.54 -0.89
CA ASN A 94 4.83 18.80 -1.44
C ASN A 94 4.63 18.85 -2.97
N GLN A 95 3.91 17.88 -3.51
CA GLN A 95 3.50 17.91 -4.92
C GLN A 95 2.04 18.30 -5.04
N SER A 96 1.63 18.70 -6.25
CA SER A 96 0.23 19.05 -6.51
C SER A 96 -0.71 17.91 -6.09
N TRP A 97 -1.66 18.24 -5.22
CA TRP A 97 -2.63 17.28 -4.68
C TRP A 97 -1.96 16.09 -3.99
N ARG A 98 -0.69 16.24 -3.61
CA ARG A 98 0.04 15.16 -2.97
C ARG A 98 1.11 15.72 -2.05
N LYS A 99 0.68 16.29 -0.92
CA LYS A 99 1.60 16.93 0.02
C LYS A 99 2.47 15.94 0.78
N GLU A 100 1.94 14.74 1.02
CA GLU A 100 2.66 13.75 1.80
C GLU A 100 2.70 12.38 1.10
N ARG A 101 3.69 11.57 1.50
CA ARG A 101 3.74 10.15 1.10
C ARG A 101 4.16 9.33 2.32
N PHE A 102 4.29 8.00 2.16
CA PHE A 102 4.83 7.17 3.23
C PHE A 102 6.29 6.80 2.96
N LEU A 103 7.04 6.68 4.06
CA LEU A 103 8.45 6.31 4.02
C LEU A 103 8.72 5.15 4.99
N ASP A 104 9.21 4.04 4.46
CA ASP A 104 9.67 2.90 5.29
C ASP A 104 8.63 2.28 6.25
N VAL A 105 7.37 2.19 5.83
CA VAL A 105 6.35 1.52 6.65
C VAL A 105 6.87 0.11 6.92
N PRO A 106 6.91 -0.29 8.20
CA PRO A 106 7.61 -1.55 8.55
C PRO A 106 6.72 -2.77 8.35
N LEU A 107 6.60 -3.18 7.10
CA LEU A 107 5.76 -4.31 6.70
C LEU A 107 6.28 -5.62 7.29
N CYS A 108 5.37 -6.39 7.90
CA CYS A 108 5.74 -7.69 8.46
C CYS A 108 6.41 -8.56 7.39
N LYS A 109 7.48 -9.26 7.76
CA LYS A 109 8.25 -10.02 6.77
C LYS A 109 7.38 -11.08 6.11
N GLU A 110 6.44 -11.63 6.86
CA GLU A 110 5.54 -12.65 6.33
C GLU A 110 4.63 -12.11 5.24
N ASP A 111 4.14 -10.88 5.41
CA ASP A 111 3.31 -10.26 4.36
C ASP A 111 4.13 -10.00 3.09
N CYS A 112 5.37 -9.57 3.29
CA CYS A 112 6.25 -9.33 2.15
C CYS A 112 6.57 -10.65 1.42
N GLN A 113 6.91 -11.68 2.20
CA GLN A 113 7.26 -12.98 1.62
C GLN A 113 6.09 -13.57 0.82
N ARG A 114 4.88 -13.50 1.38
CA ARG A 114 3.71 -14.10 0.74
C ARG A 114 3.37 -13.34 -0.54
N TRP A 115 3.45 -12.01 -0.49
CA TRP A 115 3.22 -11.16 -1.67
C TRP A 115 4.16 -11.59 -2.81
N TRP A 116 5.46 -11.67 -2.49
CA TRP A 116 6.44 -12.07 -3.47
C TRP A 116 6.18 -13.48 -4.00
N GLU A 117 5.91 -14.44 -3.11
CA GLU A 117 5.66 -15.80 -3.54
C GLU A 117 4.46 -15.88 -4.47
N ASP A 118 3.40 -15.15 -4.11
CA ASP A 118 2.16 -15.22 -4.87
C ASP A 118 2.30 -14.54 -6.23
N CYS A 119 3.28 -13.64 -6.37
CA CYS A 119 3.54 -12.94 -7.65
C CYS A 119 4.68 -13.53 -8.49
N HIS A 120 5.34 -14.58 -7.99
CA HIS A 120 6.39 -15.27 -8.75
C HIS A 120 5.99 -15.69 -10.17
N THR A 121 4.75 -16.15 -10.36
CA THR A 121 4.36 -16.59 -11.70
C THR A 121 3.99 -15.43 -12.64
N SER A 122 3.80 -14.23 -12.09
CA SER A 122 3.29 -13.11 -12.87
C SER A 122 4.42 -12.34 -13.53
N HIS A 123 4.08 -11.33 -14.31
CA HIS A 123 5.05 -10.59 -15.12
C HIS A 123 4.92 -9.09 -14.92
N THR A 124 6.03 -8.38 -15.09
CA THR A 124 6.03 -6.93 -15.07
C THR A 124 7.23 -6.47 -15.89
N CYS A 125 7.31 -5.17 -16.15
CA CYS A 125 8.35 -4.62 -17.02
C CYS A 125 9.24 -3.62 -16.28
N LYS A 126 8.97 -3.40 -14.98
CA LYS A 126 9.65 -2.34 -14.23
C LYS A 126 9.85 -2.73 -12.78
N SER A 127 10.96 -2.27 -12.17
CA SER A 127 11.22 -2.57 -10.75
C SER A 127 10.81 -1.41 -9.82
N ASN A 128 10.39 -0.31 -10.42
CA ASN A 128 9.86 0.82 -9.64
C ASN A 128 8.60 1.30 -10.35
N TRP A 129 7.44 1.18 -9.71
CA TRP A 129 6.19 1.48 -10.40
C TRP A 129 5.72 2.91 -10.14
N HIS A 130 6.52 3.63 -9.39
CA HIS A 130 6.15 4.96 -8.94
C HIS A 130 6.43 6.04 -10.00
N ARG A 131 7.28 5.75 -10.98
CA ARG A 131 7.57 6.72 -12.02
C ARG A 131 8.00 6.02 -13.31
N GLY A 132 7.94 6.75 -14.43
CA GLY A 132 8.50 6.24 -15.67
C GLY A 132 7.58 5.53 -16.65
N TRP A 133 6.32 5.30 -16.29
CA TRP A 133 5.40 4.63 -17.20
C TRP A 133 5.11 5.51 -18.42
N ASP A 134 4.72 4.88 -19.52
CA ASP A 134 4.23 5.60 -20.69
C ASP A 134 2.72 5.73 -20.50
N TRP A 135 2.22 6.96 -20.36
CA TRP A 135 0.80 7.18 -20.08
C TRP A 135 0.03 7.73 -21.28
N THR A 136 0.66 7.74 -22.45
CA THR A 136 0.08 8.40 -23.62
C THR A 136 -1.18 7.70 -24.14
N SER A 137 -1.35 6.43 -23.79
CA SER A 137 -2.55 5.70 -24.21
C SER A 137 -3.75 6.05 -23.33
N GLY A 138 -3.51 6.75 -22.21
CA GLY A 138 -4.58 7.02 -21.25
C GLY A 138 -4.44 6.19 -19.98
N VAL A 139 -3.70 5.09 -20.07
CA VAL A 139 -3.35 4.31 -18.88
C VAL A 139 -1.84 3.97 -18.94
N ASN A 140 -1.28 3.53 -17.82
CA ASN A 140 0.17 3.24 -17.81
C ASN A 140 0.49 1.99 -18.61
N LYS A 141 1.47 2.10 -19.49
CA LYS A 141 1.95 0.96 -20.26
C LYS A 141 3.48 0.95 -20.20
N CYS A 142 4.04 -0.22 -20.46
CA CYS A 142 5.49 -0.37 -20.40
C CYS A 142 6.17 0.63 -21.32
N PRO A 143 7.12 1.39 -20.77
CA PRO A 143 7.80 2.41 -21.59
C PRO A 143 8.91 1.80 -22.42
N ALA A 144 9.52 2.61 -23.29
CA ALA A 144 10.63 2.15 -24.09
C ALA A 144 11.72 1.60 -23.17
N GLY A 145 12.38 0.53 -23.60
CA GLY A 145 13.47 -0.01 -22.83
C GLY A 145 13.06 -1.02 -21.77
N ALA A 146 11.75 -1.07 -21.47
CA ALA A 146 11.23 -1.89 -20.40
C ALA A 146 10.53 -3.13 -20.92
N LEU A 147 11.22 -4.26 -20.86
CA LEU A 147 10.72 -5.52 -21.38
C LEU A 147 9.96 -6.27 -20.27
N CYS A 148 8.86 -6.92 -20.65
CA CYS A 148 8.14 -7.76 -19.72
C CYS A 148 8.97 -8.98 -19.37
N ARG A 149 9.08 -9.26 -18.08
CA ARG A 149 9.85 -10.38 -17.56
C ARG A 149 9.10 -10.95 -16.36
N THR A 150 9.57 -12.06 -15.82
CA THR A 150 8.97 -12.59 -14.59
C THR A 150 9.17 -11.60 -13.46
N PHE A 151 8.26 -11.60 -12.49
CA PHE A 151 8.44 -10.72 -11.36
C PHE A 151 9.80 -10.93 -10.74
N GLU A 152 10.24 -12.19 -10.67
CA GLU A 152 11.53 -12.46 -10.02
C GLU A 152 12.72 -11.80 -10.73
N SER A 153 12.61 -11.59 -12.03
CA SER A 153 13.66 -10.87 -12.77
C SER A 153 13.83 -9.44 -12.28
N TYR A 154 12.72 -8.76 -12.01
CA TYR A 154 12.77 -7.35 -11.57
C TYR A 154 12.87 -7.23 -10.06
N PHE A 155 12.38 -8.25 -9.36
CA PHE A 155 12.39 -8.29 -7.91
C PHE A 155 12.97 -9.63 -7.44
N PRO A 156 14.30 -9.71 -7.31
CA PRO A 156 14.96 -10.99 -7.01
C PRO A 156 14.64 -11.54 -5.61
N THR A 157 14.24 -10.66 -4.69
CA THR A 157 13.92 -11.07 -3.31
C THR A 157 12.63 -10.39 -2.89
N PRO A 158 11.95 -10.93 -1.87
CA PRO A 158 10.74 -10.23 -1.39
C PRO A 158 11.03 -8.79 -0.98
N ALA A 159 12.17 -8.54 -0.32
CA ALA A 159 12.51 -7.17 0.07
C ALA A 159 12.63 -6.24 -1.14
N ALA A 160 13.21 -6.74 -2.24
CA ALA A 160 13.29 -5.94 -3.46
C ALA A 160 11.93 -5.47 -3.92
N LEU A 161 10.96 -6.38 -3.85
CA LEU A 161 9.60 -6.03 -4.23
C LEU A 161 8.98 -4.99 -3.28
N CYS A 162 8.85 -5.32 -2.00
CA CYS A 162 8.12 -4.46 -1.09
C CYS A 162 8.78 -3.09 -0.93
N GLU A 163 10.11 -3.07 -0.92
CA GLU A 163 10.83 -1.82 -0.72
C GLU A 163 11.01 -1.02 -2.02
N GLY A 164 11.10 -1.72 -3.15
CA GLY A 164 11.42 -1.07 -4.42
C GLY A 164 10.21 -0.56 -5.18
N LEU A 165 9.10 -1.29 -5.07
CA LEU A 165 7.93 -1.06 -5.91
C LEU A 165 7.44 0.39 -5.90
N TRP A 166 7.30 0.95 -4.71
CA TRP A 166 6.84 2.33 -4.58
C TRP A 166 7.90 3.21 -3.92
N SER A 167 9.16 3.04 -4.33
CA SER A 167 10.26 3.91 -3.91
C SER A 167 10.35 4.02 -2.41
N HIS A 168 10.53 2.88 -1.75
CA HIS A 168 10.72 2.85 -0.30
C HIS A 168 9.52 3.27 0.54
N SER A 169 8.32 2.96 0.07
CA SER A 169 7.11 3.21 0.87
C SER A 169 7.04 2.20 2.01
N TYR A 170 7.68 1.05 1.83
CA TYR A 170 7.82 0.04 2.88
C TYR A 170 9.29 -0.22 3.16
N LYS A 171 9.56 -0.68 4.38
CA LYS A 171 10.87 -1.26 4.73
C LYS A 171 10.54 -2.57 5.44
N VAL A 172 11.10 -3.68 4.97
CA VAL A 172 10.68 -4.97 5.52
C VAL A 172 11.13 -5.11 6.98
N SER A 173 10.21 -5.50 7.84
CA SER A 173 10.52 -5.76 9.24
C SER A 173 10.74 -7.27 9.41
N ASN A 174 11.75 -7.66 10.16
CA ASN A 174 11.92 -9.09 10.42
C ASN A 174 11.12 -9.62 11.63
N TYR A 175 10.30 -8.74 12.21
CA TYR A 175 9.35 -9.14 13.24
C TYR A 175 8.23 -9.96 12.59
N SER A 176 7.53 -10.74 13.41
CA SER A 176 6.47 -11.60 12.92
C SER A 176 5.12 -10.86 12.96
N ARG A 177 4.22 -11.25 12.06
CA ARG A 177 2.82 -10.82 12.16
C ARG A 177 2.36 -11.01 13.60
N GLY A 178 1.67 -10.03 14.14
CA GLY A 178 1.17 -10.18 15.52
C GLY A 178 2.20 -10.03 16.63
N SER A 179 3.40 -9.57 16.27
CA SER A 179 4.41 -9.18 17.24
C SER A 179 4.01 -7.85 17.86
N GLY A 180 3.16 -7.11 17.15
CA GLY A 180 2.79 -5.77 17.54
C GLY A 180 3.83 -4.73 17.18
N ARG A 181 4.84 -5.14 16.40
CA ARG A 181 5.94 -4.25 16.03
C ARG A 181 6.19 -4.19 14.52
N CYS A 182 5.28 -4.75 13.74
CA CYS A 182 5.33 -4.57 12.29
C CYS A 182 3.91 -4.41 11.79
N ILE A 183 3.78 -3.66 10.70
CA ILE A 183 2.47 -3.40 10.09
C ILE A 183 2.01 -4.60 9.25
N GLN A 184 0.78 -5.03 9.47
CA GLN A 184 0.20 -6.07 8.64
C GLN A 184 -0.61 -5.42 7.55
N MET A 185 -0.37 -5.84 6.31
CA MET A 185 -1.16 -5.41 5.17
C MET A 185 -2.48 -6.18 5.15
N TRP A 186 -2.40 -7.44 5.56
CA TRP A 186 -3.55 -8.33 5.60
C TRP A 186 -3.91 -8.59 7.04
N PHE A 187 -5.14 -8.25 7.43
CA PHE A 187 -5.65 -8.62 8.75
C PHE A 187 -7.16 -8.63 8.68
N ASP A 188 -7.78 -9.52 9.42
CA ASP A 188 -9.23 -9.49 9.50
C ASP A 188 -9.59 -8.55 10.67
N SER A 189 -10.81 -8.03 10.66
CA SER A 189 -11.12 -6.98 11.62
C SER A 189 -11.79 -7.52 12.87
N ALA A 190 -12.08 -8.82 12.88
CA ALA A 190 -12.76 -9.48 13.99
C ALA A 190 -12.20 -9.09 15.35
N GLN A 191 -10.88 -9.23 15.50
CA GLN A 191 -10.21 -8.90 16.75
C GLN A 191 -9.56 -7.51 16.73
N GLY A 192 -10.25 -6.54 16.12
CA GLY A 192 -9.76 -5.17 16.10
C GLY A 192 -8.66 -4.99 15.07
N ASN A 193 -8.19 -3.77 14.91
CA ASN A 193 -7.14 -3.47 13.95
C ASN A 193 -5.78 -3.59 14.64
N PRO A 194 -4.95 -4.57 14.24
CA PRO A 194 -3.71 -4.86 14.98
C PRO A 194 -2.63 -3.82 14.73
N ASN A 195 -2.83 -2.96 13.74
CA ASN A 195 -1.83 -1.94 13.47
C ASN A 195 -1.91 -0.72 14.41
N GLU A 196 -3.01 -0.61 15.15
CA GLU A 196 -3.11 0.46 16.14
C GLU A 196 -1.97 0.39 17.14
N GLU A 197 -1.71 -0.80 17.67
CA GLU A 197 -0.66 -0.93 18.68
C GLU A 197 0.74 -0.80 18.07
N VAL A 198 0.86 -1.07 16.76
CA VAL A 198 2.13 -0.92 16.07
C VAL A 198 2.50 0.55 15.97
N ALA A 199 1.54 1.38 15.61
CA ALA A 199 1.79 2.82 15.57
C ALA A 199 2.18 3.32 16.96
N ARG A 200 1.47 2.86 17.99
CA ARG A 200 1.79 3.26 19.36
C ARG A 200 3.21 2.85 19.76
N PHE A 201 3.63 1.65 19.35
CA PHE A 201 4.98 1.19 19.63
C PHE A 201 6.01 2.15 19.06
N TYR A 202 5.90 2.46 17.77
CA TYR A 202 6.87 3.32 17.13
C TYR A 202 6.76 4.77 17.59
N ALA A 203 5.62 5.14 18.16
CA ALA A 203 5.43 6.49 18.70
C ALA A 203 5.87 6.68 20.18
N ALA A 204 6.32 5.61 20.83
CA ALA A 204 6.74 5.71 22.22
C ALA A 204 7.91 6.68 22.37
N ALA A 205 8.02 7.29 23.55
CA ALA A 205 9.01 8.33 23.83
C ALA A 205 10.45 7.85 23.74
N MET A 206 11.29 8.77 23.31
CA MET A 206 12.73 8.62 23.28
C MET A 206 13.24 8.48 24.69
N HIS A 207 14.28 7.68 24.89
CA HIS A 207 14.85 7.55 26.22
C HIS A 207 13.80 7.23 27.25
K K B . -4.15 -0.04 9.51
C1 NAG C . 15.99 -8.34 8.10
C2 NAG C . 16.82 -7.12 8.46
C3 NAG C . 17.88 -6.88 7.40
C4 NAG C . 18.65 -8.16 7.10
C5 NAG C . 17.70 -9.32 6.84
C6 NAG C . 18.46 -10.62 6.59
C7 NAG C . 15.56 -5.40 9.66
C8 NAG C . 16.13 -5.97 10.92
N2 NAG C . 15.94 -5.97 8.53
O3 NAG C . 18.76 -5.86 7.80
O4 NAG C . 19.48 -7.96 5.98
O5 NAG C . 16.81 -9.47 7.92
O6 NAG C . 19.30 -10.91 7.70
O7 NAG C . 14.78 -4.44 9.69
#